data_1VR9
#
_entry.id   1VR9
#
_cell.length_a   228.040
_cell.length_b   52.647
_cell.length_c   44.161
_cell.angle_alpha   90.00
_cell.angle_beta   100.44
_cell.angle_gamma   90.00
#
_symmetry.space_group_name_H-M   'C 1 2 1'
#
loop_
_entity.id
_entity.type
_entity.pdbx_description
1 polymer 'CBS domain protein/ACT domain protein'
2 water water
#
_entity_poly.entity_id   1
_entity_poly.type   'polypeptide(L)'
_entity_poly.pdbx_seq_one_letter_code
;(MSE)GSDKIHHHHHH(MSE)KVKKWVTQDFP(MSE)VEESATVRECLHR(MSE)RQYQTNECIVKDREGHFRGVVNKED
LLDLDLDSSVFNKVSLPDFFVHEEDNITHALLLFLEHQEPYLPVVDEE(MSE)RLKGAVSLHDFLEALIEALA(MSE)DV
PGIRFSVLLEDKPGELRKVVDALALSNINILSVITTRSGDGKREVLIKVDAVDEGTLIKLFESLGIKIESIEKEEGF
;
_entity_poly.pdbx_strand_id   A,B
#
# COMPACT_ATOMS: atom_id res chain seq x y z
N LYS A 14 10.06 2.84 -20.35
CA LYS A 14 10.87 1.85 -19.69
C LYS A 14 10.95 2.07 -18.17
N VAL A 15 11.15 0.97 -17.45
CA VAL A 15 11.40 0.96 -15.99
C VAL A 15 12.56 1.88 -15.60
N LYS A 16 13.66 1.81 -16.34
CA LYS A 16 14.86 2.58 -16.00
C LYS A 16 14.57 4.07 -15.81
N LYS A 17 13.60 4.60 -16.54
CA LYS A 17 13.25 6.02 -16.44
C LYS A 17 12.71 6.39 -15.06
N TRP A 18 12.10 5.43 -14.37
CA TRP A 18 11.34 5.70 -13.15
C TRP A 18 12.04 5.17 -11.87
N VAL A 19 13.23 4.61 -12.01
CA VAL A 19 13.97 4.08 -10.86
C VAL A 19 14.43 5.18 -9.91
N THR A 20 14.31 4.90 -8.61
CA THR A 20 14.83 5.78 -7.55
C THR A 20 15.87 5.04 -6.72
N GLN A 21 16.78 5.80 -6.13
CA GLN A 21 17.68 5.28 -5.08
C GLN A 21 17.18 5.64 -3.68
N ASP A 22 16.09 6.39 -3.62
CA ASP A 22 15.51 6.87 -2.37
C ASP A 22 14.44 5.85 -1.93
N PHE A 23 14.91 4.76 -1.32
CA PHE A 23 14.03 3.69 -0.83
C PHE A 23 14.67 2.94 0.34
N PRO A 24 13.84 2.26 1.16
CA PRO A 24 14.36 1.55 2.33
C PRO A 24 15.10 0.25 1.97
N VAL A 26 18.08 -2.81 3.50
CA VAL A 26 19.05 -3.32 4.48
C VAL A 26 19.75 -4.54 3.91
N GLU A 27 20.87 -4.92 4.53
CA GLU A 27 21.56 -6.17 4.17
C GLU A 27 20.92 -7.34 4.93
N GLU A 28 21.08 -8.56 4.38
CA GLU A 28 20.35 -9.75 4.88
C GLU A 28 20.57 -10.11 6.37
N SER A 29 21.66 -9.63 6.96
CA SER A 29 21.99 -9.94 8.36
C SER A 29 21.78 -8.75 9.30
N ALA A 30 21.11 -7.72 8.78
CA ALA A 30 20.74 -6.56 9.57
C ALA A 30 19.93 -7.04 10.79
N THR A 31 20.04 -6.29 11.88
CA THR A 31 19.21 -6.58 13.04
C THR A 31 17.78 -6.08 12.80
N VAL A 32 16.84 -6.65 13.57
CA VAL A 32 15.47 -6.15 13.60
C VAL A 32 15.41 -4.64 13.90
N ARG A 33 16.21 -4.18 14.88
CA ARG A 33 16.25 -2.76 15.24
C ARG A 33 16.60 -1.91 14.01
N GLU A 34 17.65 -2.30 13.30
CA GLU A 34 18.08 -1.56 12.09
C GLU A 34 17.02 -1.51 11.01
N CYS A 35 16.33 -2.63 10.77
CA CYS A 35 15.31 -2.70 9.76
C CYS A 35 14.12 -1.81 10.13
N LEU A 36 13.70 -1.88 11.38
CA LEU A 36 12.61 -1.03 11.85
C LEU A 36 12.95 0.45 11.68
N HIS A 37 14.20 0.80 11.98
CA HIS A 37 14.63 2.19 11.86
C HIS A 37 14.53 2.67 10.39
N ARG A 38 15.06 1.88 9.47
CA ARG A 38 14.99 2.24 8.04
C ARG A 38 13.57 2.48 7.59
N ARG A 40 11.03 3.34 9.48
CA ARG A 40 10.58 4.61 10.07
C ARG A 40 11.10 5.82 9.28
N GLN A 41 12.31 5.73 8.75
CA GLN A 41 12.90 6.89 8.05
C GLN A 41 12.15 7.15 6.75
N TYR A 42 11.60 6.08 6.17
CA TYR A 42 10.83 6.18 4.93
C TYR A 42 9.32 6.13 5.18
N GLN A 43 8.93 6.15 6.45
CA GLN A 43 7.54 6.18 6.87
C GLN A 43 6.75 5.10 6.15
N THR A 44 7.26 3.87 6.23
CA THR A 44 6.75 2.77 5.44
C THR A 44 6.79 1.43 6.23
N ASN A 45 6.29 0.36 5.61
CA ASN A 45 6.20 -0.96 6.26
C ASN A 45 6.85 -2.06 5.39
N GLU A 46 7.75 -1.65 4.51
CA GLU A 46 8.53 -2.56 3.66
C GLU A 46 10.01 -2.13 3.69
N CYS A 47 10.92 -3.12 3.63
CA CYS A 47 12.34 -2.87 3.49
C CYS A 47 12.84 -3.85 2.43
N ILE A 48 13.57 -3.36 1.46
CA ILE A 48 14.16 -4.22 0.44
C ILE A 48 15.48 -4.79 0.99
N VAL A 49 15.76 -6.05 0.72
CA VAL A 49 16.97 -6.68 1.28
C VAL A 49 17.94 -7.12 0.18
N LYS A 50 19.23 -6.88 0.40
CA LYS A 50 20.25 -7.41 -0.50
C LYS A 50 21.24 -8.27 0.30
N ASP A 51 22.04 -9.06 -0.41
CA ASP A 51 23.05 -9.85 0.24
C ASP A 51 24.37 -9.06 0.22
N ARG A 52 25.47 -9.68 0.65
CA ARG A 52 26.74 -8.93 0.77
C ARG A 52 27.39 -8.56 -0.55
N GLU A 53 27.03 -9.27 -1.62
CA GLU A 53 27.48 -8.95 -2.99
C GLU A 53 26.55 -7.97 -3.73
N GLY A 54 25.46 -7.56 -3.09
CA GLY A 54 24.56 -6.56 -3.68
C GLY A 54 23.41 -7.15 -4.45
N HIS A 55 23.25 -8.48 -4.40
CA HIS A 55 22.15 -9.17 -5.09
C HIS A 55 20.86 -8.98 -4.32
N PHE A 56 19.77 -8.97 -5.07
CA PHE A 56 18.45 -8.89 -4.46
C PHE A 56 18.03 -10.19 -3.77
N ARG A 57 17.57 -10.09 -2.52
CA ARG A 57 17.14 -11.26 -1.73
C ARG A 57 15.64 -11.37 -1.51
N GLY A 58 14.99 -10.23 -1.31
CA GLY A 58 13.54 -10.20 -1.06
C GLY A 58 13.23 -8.92 -0.29
N VAL A 59 12.10 -8.94 0.39
CA VAL A 59 11.67 -7.79 1.14
C VAL A 59 11.31 -8.27 2.55
N VAL A 60 11.43 -7.37 3.51
CA VAL A 60 10.92 -7.60 4.88
C VAL A 60 9.69 -6.75 5.08
N ASN A 61 8.60 -7.39 5.53
CA ASN A 61 7.35 -6.69 5.88
C ASN A 61 7.35 -6.39 7.39
N LYS A 62 7.03 -5.16 7.77
CA LYS A 62 7.03 -4.71 9.19
C LYS A 62 6.28 -5.62 10.14
N GLU A 63 5.13 -6.12 9.71
CA GLU A 63 4.25 -6.95 10.54
C GLU A 63 4.98 -8.22 10.99
N ASP A 64 5.88 -8.72 10.15
CA ASP A 64 6.66 -9.91 10.44
C ASP A 64 7.73 -9.71 11.55
N LEU A 65 8.01 -8.47 11.94
CA LEU A 65 9.00 -8.21 12.98
C LEU A 65 8.41 -7.89 14.36
N LEU A 66 7.08 -7.91 14.50
CA LEU A 66 6.40 -7.45 15.70
C LEU A 66 6.87 -8.14 16.98
N ASP A 67 6.94 -9.47 16.96
CA ASP A 67 7.29 -10.22 18.18
C ASP A 67 8.72 -10.75 18.17
N LEU A 68 9.64 -9.96 17.63
CA LEU A 68 11.06 -10.32 17.60
C LEU A 68 11.91 -9.43 18.52
N ASP A 69 12.94 -10.03 19.10
CA ASP A 69 13.93 -9.30 19.88
C ASP A 69 14.62 -8.32 18.93
N LEU A 70 14.85 -7.10 19.39
CA LEU A 70 15.46 -6.06 18.53
C LEU A 70 16.88 -6.39 18.07
N ASP A 71 17.58 -7.19 18.86
CA ASP A 71 18.95 -7.60 18.56
C ASP A 71 19.04 -8.77 17.56
N SER A 72 17.92 -9.44 17.33
CA SER A 72 17.89 -10.58 16.42
C SER A 72 17.99 -10.11 14.96
N SER A 73 18.28 -11.07 14.08
CA SER A 73 18.55 -10.80 12.66
C SER A 73 17.28 -10.93 11.82
N VAL A 74 17.26 -10.24 10.69
CA VAL A 74 16.14 -10.35 9.73
C VAL A 74 16.38 -11.48 8.71
N PHE A 75 17.50 -12.20 8.87
CA PHE A 75 17.96 -13.21 7.92
C PHE A 75 16.90 -14.22 7.52
N ASN A 76 16.17 -14.74 8.51
CA ASN A 76 15.09 -15.72 8.27
C ASN A 76 13.71 -15.12 8.03
N LYS A 77 13.62 -13.80 8.00
CA LYS A 77 12.34 -13.09 7.92
C LYS A 77 12.05 -12.50 6.53
N VAL A 78 12.92 -12.79 5.56
CA VAL A 78 12.74 -12.21 4.21
C VAL A 78 11.60 -12.92 3.49
N SER A 79 10.92 -12.17 2.64
CA SER A 79 9.74 -12.63 1.92
C SER A 79 9.90 -12.23 0.44
N LEU A 80 9.08 -12.81 -0.43
CA LEU A 80 8.92 -12.35 -1.82
C LEU A 80 10.23 -12.32 -2.63
N PRO A 81 10.94 -13.44 -2.69
CA PRO A 81 12.16 -13.47 -3.49
C PRO A 81 11.91 -13.26 -5.00
N ASP A 82 10.66 -13.41 -5.45
CA ASP A 82 10.33 -13.31 -6.88
C ASP A 82 9.78 -11.94 -7.27
N PHE A 83 9.73 -11.01 -6.30
CA PHE A 83 9.12 -9.68 -6.48
C PHE A 83 10.16 -8.68 -6.96
N PHE A 84 10.34 -8.60 -8.27
CA PHE A 84 11.30 -7.71 -8.88
C PHE A 84 10.96 -7.51 -10.36
N VAL A 85 11.52 -6.46 -10.93
CA VAL A 85 11.57 -6.31 -12.40
C VAL A 85 13.01 -5.97 -12.81
N HIS A 86 13.31 -6.11 -14.11
CA HIS A 86 14.65 -5.80 -14.62
C HIS A 86 14.72 -4.35 -15.11
N GLU A 87 15.92 -3.77 -15.11
CA GLU A 87 16.11 -2.40 -15.59
C GLU A 87 15.52 -2.13 -16.97
N GLU A 88 15.66 -3.11 -17.86
CA GLU A 88 15.29 -2.90 -19.27
C GLU A 88 13.85 -3.34 -19.61
N ASP A 89 13.08 -3.71 -18.59
CA ASP A 89 11.66 -4.00 -18.77
C ASP A 89 10.86 -2.72 -19.07
N ASN A 90 9.67 -2.94 -19.61
CA ASN A 90 8.72 -1.87 -19.82
C ASN A 90 7.99 -1.59 -18.52
N ILE A 91 7.70 -0.32 -18.27
CA ILE A 91 6.99 0.05 -17.05
C ILE A 91 5.61 -0.66 -16.98
N THR A 92 5.00 -0.93 -18.14
CA THR A 92 3.80 -1.76 -18.22
C THR A 92 3.96 -3.15 -17.59
N HIS A 93 5.17 -3.71 -17.60
CA HIS A 93 5.46 -4.99 -16.95
C HIS A 93 5.38 -4.90 -15.41
N ALA A 94 5.80 -3.77 -14.86
CA ALA A 94 5.67 -3.51 -13.42
C ALA A 94 4.21 -3.61 -12.96
N LEU A 95 3.26 -3.31 -13.84
CA LEU A 95 1.84 -3.41 -13.51
C LEU A 95 1.52 -4.84 -13.08
N LEU A 96 2.07 -5.82 -13.78
CA LEU A 96 1.84 -7.21 -13.43
C LEU A 96 2.39 -7.58 -12.04
N LEU A 97 3.55 -7.03 -11.67
CA LEU A 97 4.12 -7.30 -10.34
C LEU A 97 3.32 -6.62 -9.24
N PHE A 98 2.92 -5.37 -9.45
CA PHE A 98 2.09 -4.66 -8.44
C PHE A 98 0.71 -5.32 -8.27
N LEU A 99 0.19 -5.91 -9.33
CA LEU A 99 -1.06 -6.69 -9.24
C LEU A 99 -0.87 -7.91 -8.33
N GLU A 100 0.30 -8.54 -8.42
CA GLU A 100 0.64 -9.65 -7.54
C GLU A 100 0.81 -9.23 -6.08
N HIS A 101 1.56 -8.12 -5.86
CA HIS A 101 1.82 -7.60 -4.51
C HIS A 101 1.87 -6.07 -4.50
N GLN A 102 0.98 -5.42 -3.75
CA GLN A 102 0.92 -3.94 -3.74
C GLN A 102 1.88 -3.31 -2.73
N GLU A 103 3.16 -3.60 -2.89
CA GLU A 103 4.18 -3.11 -1.99
C GLU A 103 4.49 -1.68 -2.43
N PRO A 104 4.90 -0.81 -1.51
CA PRO A 104 5.26 0.57 -1.89
C PRO A 104 6.49 0.74 -2.77
N TYR A 105 7.40 -0.24 -2.76
CA TYR A 105 8.60 -0.23 -3.55
C TYR A 105 8.85 -1.56 -4.23
N LEU A 106 9.00 -1.51 -5.55
CA LEU A 106 9.27 -2.67 -6.39
C LEU A 106 10.78 -2.73 -6.71
N PRO A 107 11.46 -3.80 -6.25
CA PRO A 107 12.87 -3.95 -6.55
C PRO A 107 13.18 -4.01 -8.05
N VAL A 108 14.27 -3.35 -8.44
CA VAL A 108 14.78 -3.36 -9.82
C VAL A 108 16.16 -3.99 -9.83
N VAL A 109 16.37 -4.92 -10.74
CA VAL A 109 17.63 -5.67 -10.79
C VAL A 109 18.23 -5.67 -12.19
N ASP A 110 19.52 -5.99 -12.26
CA ASP A 110 20.20 -6.20 -13.55
C ASP A 110 20.17 -7.68 -13.90
N GLU A 111 20.87 -8.07 -14.95
CA GLU A 111 20.82 -9.45 -15.44
C GLU A 111 21.48 -10.48 -14.53
N GLU A 112 22.33 -10.04 -13.61
CA GLU A 112 22.91 -10.93 -12.59
C GLU A 112 22.18 -10.86 -11.26
N ARG A 114 21.64 -8.26 -9.44
CA ARG A 114 22.12 -7.21 -8.55
C ARG A 114 21.06 -6.14 -8.40
N LEU A 115 20.81 -5.71 -7.18
CA LEU A 115 19.86 -4.64 -6.91
C LEU A 115 20.37 -3.30 -7.46
N LYS A 116 19.57 -2.67 -8.33
CA LYS A 116 19.97 -1.42 -8.98
C LYS A 116 19.15 -0.20 -8.53
N GLY A 117 18.13 -0.46 -7.75
CA GLY A 117 17.18 0.58 -7.28
C GLY A 117 15.81 0.00 -7.05
N ALA A 118 14.82 0.88 -6.97
CA ALA A 118 13.42 0.49 -6.90
C ALA A 118 12.56 1.43 -7.72
N VAL A 119 11.38 0.93 -8.06
CA VAL A 119 10.28 1.77 -8.57
C VAL A 119 9.27 1.91 -7.45
N SER A 120 9.04 3.13 -6.99
CA SER A 120 7.97 3.35 -5.99
C SER A 120 6.61 3.16 -6.62
N LEU A 121 5.66 2.61 -5.86
CA LEU A 121 4.28 2.54 -6.35
C LEU A 121 3.79 3.93 -6.76
N HIS A 122 4.12 4.96 -5.99
CA HIS A 122 3.74 6.32 -6.33
C HIS A 122 4.23 6.67 -7.72
N ASP A 123 5.53 6.46 -7.97
CA ASP A 123 6.12 6.84 -9.27
C ASP A 123 5.55 5.99 -10.42
N PHE A 124 5.27 4.73 -10.16
CA PHE A 124 4.54 3.91 -11.13
C PHE A 124 3.19 4.51 -11.51
N LEU A 125 2.41 4.97 -10.53
CA LEU A 125 1.14 5.59 -10.83
C LEU A 125 1.31 6.88 -11.63
N GLU A 126 2.35 7.64 -11.32
CA GLU A 126 2.69 8.85 -12.07
C GLU A 126 3.00 8.51 -13.53
N ALA A 127 3.66 7.37 -13.76
CA ALA A 127 3.89 6.89 -15.13
C ALA A 127 2.57 6.68 -15.84
N LEU A 128 1.62 6.01 -15.18
CA LEU A 128 0.30 5.74 -15.75
C LEU A 128 -0.54 7.00 -15.97
N ILE A 129 -0.36 7.99 -15.11
CA ILE A 129 -1.01 9.29 -15.31
C ILE A 129 -0.53 9.95 -16.59
N GLU A 130 0.78 9.84 -16.85
CA GLU A 130 1.37 10.33 -18.10
C GLU A 130 0.86 9.55 -19.30
N ALA A 131 0.88 8.23 -19.20
CA ALA A 131 0.44 7.32 -20.26
C ALA A 131 -1.09 7.19 -20.29
N LEU A 132 -1.76 8.30 -20.58
CA LEU A 132 -3.20 8.56 -20.33
C LEU A 132 -3.27 10.05 -20.01
N ALA A 133 -4.43 10.57 -19.59
CA ALA A 133 -4.47 11.88 -18.94
C ALA A 133 -5.30 11.82 -17.68
N LYS B 14 -17.40 2.42 -15.33
CA LYS B 14 -17.75 3.24 -14.17
C LYS B 14 -17.25 2.56 -12.91
N VAL B 15 -16.88 3.38 -11.94
CA VAL B 15 -16.46 2.93 -10.61
C VAL B 15 -17.41 1.87 -10.07
N LYS B 16 -18.72 2.10 -10.25
CA LYS B 16 -19.75 1.24 -9.66
C LYS B 16 -19.55 -0.25 -9.95
N LYS B 17 -19.00 -0.56 -11.12
CA LYS B 17 -18.79 -1.95 -11.53
C LYS B 17 -17.63 -2.62 -10.79
N TRP B 18 -16.73 -1.83 -10.21
CA TRP B 18 -15.52 -2.35 -9.56
C TRP B 18 -15.63 -2.38 -8.04
N VAL B 19 -16.79 -1.95 -7.53
CA VAL B 19 -17.01 -1.79 -6.11
C VAL B 19 -17.08 -3.13 -5.40
N THR B 20 -16.47 -3.18 -4.22
CA THR B 20 -16.59 -4.31 -3.32
C THR B 20 -17.26 -3.91 -2.01
N GLN B 21 -17.98 -4.86 -1.40
CA GLN B 21 -18.47 -4.67 -0.02
C GLN B 21 -17.55 -5.36 0.99
N ASP B 22 -16.52 -6.02 0.45
CA ASP B 22 -15.54 -6.75 1.23
C ASP B 22 -14.37 -5.80 1.54
N PHE B 23 -14.55 -4.98 2.58
CA PHE B 23 -13.53 -4.05 3.04
C PHE B 23 -13.72 -3.67 4.52
N PRO B 24 -12.63 -3.23 5.19
CA PRO B 24 -12.70 -2.86 6.61
C PRO B 24 -13.43 -1.53 6.83
N VAL B 26 -15.69 0.85 10.00
CA VAL B 26 -16.25 1.07 11.33
C VAL B 26 -17.07 2.35 11.30
N GLU B 27 -17.88 2.55 12.33
CA GLU B 27 -18.58 3.80 12.54
C GLU B 27 -17.66 4.71 13.37
N GLU B 28 -17.84 6.02 13.27
CA GLU B 28 -16.87 6.95 13.85
C GLU B 28 -16.71 6.94 15.38
N SER B 29 -17.65 6.33 16.11
CA SER B 29 -17.54 6.25 17.58
C SER B 29 -17.03 4.89 18.06
N ALA B 30 -16.59 4.05 17.11
CA ALA B 30 -16.07 2.72 17.40
C ALA B 30 -14.86 2.84 18.29
N THR B 31 -14.63 1.81 19.10
CA THR B 31 -13.44 1.79 19.94
C THR B 31 -12.19 1.44 19.14
N VAL B 32 -11.03 1.76 19.71
CA VAL B 32 -9.77 1.34 19.13
C VAL B 32 -9.72 -0.18 18.96
N ARG B 33 -10.17 -0.93 19.96
CA ARG B 33 -10.26 -2.39 19.88
C ARG B 33 -11.01 -2.87 18.63
N GLU B 34 -12.19 -2.30 18.38
CA GLU B 34 -13.00 -2.70 17.23
C GLU B 34 -12.33 -2.41 15.91
N CYS B 35 -11.71 -1.23 15.81
CA CYS B 35 -11.05 -0.84 14.58
C CYS B 35 -9.88 -1.77 14.30
N LEU B 36 -9.06 -2.06 15.33
CA LEU B 36 -7.92 -2.95 15.14
C LEU B 36 -8.37 -4.35 14.71
N HIS B 37 -9.49 -4.79 15.24
CA HIS B 37 -10.01 -6.09 14.87
C HIS B 37 -10.40 -6.14 13.39
N ARG B 38 -11.10 -5.12 12.92
CA ARG B 38 -11.44 -5.04 11.48
C ARG B 38 -10.24 -5.06 10.55
N ARG B 40 -7.32 -6.34 11.23
CA ARG B 40 -6.80 -7.71 11.27
C ARG B 40 -7.59 -8.67 10.37
N GLN B 41 -8.92 -8.54 10.36
CA GLN B 41 -9.77 -9.45 9.57
C GLN B 41 -9.51 -9.29 8.07
N TYR B 42 -9.08 -8.11 7.65
CA TYR B 42 -8.80 -7.83 6.25
C TYR B 42 -7.29 -7.79 6.02
N GLN B 43 -6.52 -8.20 7.03
CA GLN B 43 -5.06 -8.24 6.94
C GLN B 43 -4.53 -6.95 6.36
N THR B 44 -4.93 -5.83 6.97
CA THR B 44 -4.63 -4.54 6.42
C THR B 44 -4.34 -3.50 7.51
N ASN B 45 -4.01 -2.29 7.08
CA ASN B 45 -3.61 -1.20 7.97
C ASN B 45 -4.50 0.03 7.78
N GLU B 46 -5.64 -0.16 7.13
CA GLU B 46 -6.61 0.93 6.86
C GLU B 46 -7.98 0.48 7.29
N CYS B 47 -8.77 1.41 7.85
CA CYS B 47 -10.17 1.18 8.08
C CYS B 47 -10.97 2.37 7.56
N ILE B 48 -11.99 2.11 6.77
CA ILE B 48 -12.87 3.19 6.33
C ILE B 48 -13.87 3.53 7.44
N VAL B 49 -14.17 4.81 7.59
CA VAL B 49 -15.09 5.27 8.65
C VAL B 49 -16.33 5.95 8.07
N LYS B 50 -17.49 5.62 8.63
CA LYS B 50 -18.71 6.36 8.31
C LYS B 50 -19.37 6.89 9.58
N ASP B 51 -20.34 7.76 9.39
CA ASP B 51 -21.15 8.22 10.53
C ASP B 51 -22.42 7.37 10.70
N ARG B 52 -23.26 7.71 11.68
CA ARG B 52 -24.45 6.87 11.97
C ARG B 52 -25.53 6.93 10.87
N GLU B 53 -25.51 8.00 10.09
CA GLU B 53 -26.37 8.14 8.90
C GLU B 53 -25.82 7.49 7.63
N GLY B 54 -24.61 6.96 7.70
CA GLY B 54 -24.01 6.25 6.57
C GLY B 54 -23.08 7.12 5.74
N HIS B 55 -22.87 8.37 6.16
CA HIS B 55 -21.98 9.30 5.43
C HIS B 55 -20.52 8.92 5.57
N PHE B 56 -19.77 9.03 4.49
CA PHE B 56 -18.32 8.87 4.55
C PHE B 56 -17.64 9.94 5.40
N ARG B 57 -16.80 9.51 6.34
CA ARG B 57 -16.06 10.43 7.21
C ARG B 57 -14.55 10.54 6.95
N GLY B 58 -13.95 9.44 6.49
CA GLY B 58 -12.51 9.37 6.27
C GLY B 58 -12.02 7.95 6.51
N VAL B 59 -10.74 7.84 6.80
CA VAL B 59 -10.11 6.57 7.07
C VAL B 59 -9.27 6.67 8.32
N VAL B 60 -9.09 5.56 9.01
CA VAL B 60 -8.17 5.50 10.14
C VAL B 60 -6.98 4.65 9.71
N ASN B 61 -5.77 5.14 9.98
CA ASN B 61 -4.55 4.38 9.71
C ASN B 61 -4.08 3.64 10.97
N LYS B 62 -3.66 2.38 10.86
CA LYS B 62 -3.29 1.55 12.03
C LYS B 62 -2.22 2.22 12.91
N GLU B 63 -1.23 2.82 12.24
CA GLU B 63 -0.13 3.53 12.90
C GLU B 63 -0.64 4.55 13.92
N ASP B 64 -1.75 5.22 13.58
CA ASP B 64 -2.32 6.25 14.44
C ASP B 64 -2.92 5.72 15.75
N LEU B 65 -3.17 4.40 15.80
CA LEU B 65 -3.76 3.77 16.99
C LEU B 65 -2.78 3.15 18.01
N LEU B 66 -1.48 3.18 17.73
CA LEU B 66 -0.55 2.35 18.51
C LEU B 66 -0.43 2.73 20.01
N ASP B 67 -0.50 4.02 20.36
CA ASP B 67 -0.31 4.47 21.76
C ASP B 67 -1.63 4.68 22.54
N LEU B 68 -2.70 4.04 22.08
CA LEU B 68 -4.03 4.34 22.59
C LEU B 68 -4.64 3.20 23.39
N ASP B 69 -5.30 3.56 24.48
CA ASP B 69 -6.09 2.60 25.25
C ASP B 69 -7.12 1.92 24.32
N LEU B 70 -7.27 0.60 24.46
CA LEU B 70 -8.19 -0.15 23.60
C LEU B 70 -9.66 0.27 23.71
N ASP B 71 -10.05 0.76 24.89
CA ASP B 71 -11.43 1.16 25.17
C ASP B 71 -11.71 2.58 24.63
N SER B 72 -10.66 3.30 24.26
CA SER B 72 -10.84 4.66 23.75
C SER B 72 -11.46 4.65 22.35
N SER B 73 -11.89 5.82 21.91
CA SER B 73 -12.62 5.99 20.65
C SER B 73 -11.71 6.38 19.49
N VAL B 74 -12.11 6.01 18.28
CA VAL B 74 -11.40 6.52 17.08
C VAL B 74 -11.91 7.87 16.53
N PHE B 75 -12.88 8.46 17.26
CA PHE B 75 -13.58 9.68 16.87
C PHE B 75 -12.67 10.80 16.41
N ASN B 76 -11.57 11.03 17.12
CA ASN B 76 -10.65 12.11 16.77
C ASN B 76 -9.45 11.66 15.92
N LYS B 77 -9.41 10.39 15.55
CA LYS B 77 -8.28 9.74 14.87
C LYS B 77 -8.47 9.59 13.36
N VAL B 78 -9.58 10.09 12.83
CA VAL B 78 -9.92 9.88 11.42
C VAL B 78 -9.15 10.86 10.55
N SER B 79 -8.76 10.38 9.37
CA SER B 79 -7.97 11.20 8.47
C SER B 79 -8.55 11.14 7.04
N LEU B 80 -7.95 11.90 6.12
CA LEU B 80 -8.26 11.78 4.70
C LEU B 80 -9.74 11.94 4.38
N PRO B 81 -10.35 13.03 4.81
CA PRO B 81 -11.78 13.21 4.52
C PRO B 81 -12.12 13.41 3.02
N ASP B 82 -11.12 13.71 2.20
CA ASP B 82 -11.33 13.96 0.77
C ASP B 82 -10.92 12.79 -0.09
N PHE B 83 -10.61 11.66 0.53
CA PHE B 83 -10.14 10.47 -0.18
C PHE B 83 -11.34 9.61 -0.54
N PHE B 84 -11.97 9.90 -1.69
CA PHE B 84 -13.12 9.16 -2.17
C PHE B 84 -13.33 9.41 -3.69
N VAL B 85 -14.12 8.53 -4.29
CA VAL B 85 -14.66 8.74 -5.62
C VAL B 85 -16.18 8.47 -5.61
N HIS B 86 -16.90 8.94 -6.64
CA HIS B 86 -18.35 8.72 -6.75
C HIS B 86 -18.65 7.47 -7.57
N GLU B 87 -19.81 6.84 -7.30
CA GLU B 87 -20.21 5.64 -8.04
C GLU B 87 -20.19 5.84 -9.55
N GLU B 88 -20.56 7.05 -9.99
CA GLU B 88 -20.73 7.33 -11.41
C GLU B 88 -19.45 7.85 -12.09
N ASP B 89 -18.38 8.01 -11.32
CA ASP B 89 -17.08 8.38 -11.89
C ASP B 89 -16.54 7.27 -12.78
N ASN B 90 -15.71 7.68 -13.76
CA ASN B 90 -14.95 6.74 -14.56
C ASN B 90 -13.90 6.09 -13.65
N ILE B 91 -13.74 4.78 -13.75
CA ILE B 91 -12.78 4.07 -12.91
C ILE B 91 -11.38 4.68 -13.04
N THR B 92 -11.07 5.25 -14.21
CA THR B 92 -9.82 5.97 -14.43
C THR B 92 -9.59 7.21 -13.54
N HIS B 93 -10.67 7.85 -13.08
CA HIS B 93 -10.59 8.96 -12.11
C HIS B 93 -9.96 8.51 -10.78
N ALA B 94 -10.21 7.25 -10.43
CA ALA B 94 -9.59 6.63 -9.27
C ALA B 94 -8.04 6.70 -9.31
N LEU B 95 -7.45 6.74 -10.51
CA LEU B 95 -5.98 6.86 -10.64
C LEU B 95 -5.46 8.13 -9.95
N LEU B 96 -6.22 9.21 -10.08
CA LEU B 96 -5.80 10.45 -9.46
C LEU B 96 -5.80 10.35 -7.95
N LEU B 97 -6.78 9.62 -7.40
CA LEU B 97 -6.90 9.47 -5.96
C LEU B 97 -5.80 8.56 -5.42
N PHE B 98 -5.55 7.42 -6.06
CA PHE B 98 -4.48 6.54 -5.62
C PHE B 98 -3.07 7.15 -5.77
N LEU B 99 -2.93 8.08 -6.71
CA LEU B 99 -1.69 8.86 -6.80
C LEU B 99 -1.51 9.74 -5.56
N GLU B 100 -2.60 10.33 -5.08
CA GLU B 100 -2.57 11.14 -3.85
C GLU B 100 -2.22 10.30 -2.62
N HIS B 101 -2.85 9.13 -2.50
CA HIS B 101 -2.70 8.26 -1.32
C HIS B 101 -2.86 6.81 -1.77
N GLN B 102 -1.82 6.00 -1.59
CA GLN B 102 -1.81 4.60 -2.00
C GLN B 102 -2.36 3.70 -0.88
N GLU B 103 -3.61 3.95 -0.57
CA GLU B 103 -4.37 3.15 0.41
C GLU B 103 -4.87 1.90 -0.29
N PRO B 104 -5.03 0.80 0.47
CA PRO B 104 -5.53 -0.46 -0.10
C PRO B 104 -7.00 -0.43 -0.54
N TYR B 105 -7.79 0.49 0.01
CA TYR B 105 -9.23 0.61 -0.28
C TYR B 105 -9.62 2.08 -0.46
N LEU B 106 -10.22 2.38 -1.60
CA LEU B 106 -10.67 3.72 -1.92
C LEU B 106 -12.16 3.84 -1.68
N PRO B 107 -12.58 4.68 -0.72
CA PRO B 107 -14.02 4.87 -0.52
C PRO B 107 -14.80 5.30 -1.75
N VAL B 108 -15.99 4.73 -1.94
CA VAL B 108 -16.94 5.08 -2.99
C VAL B 108 -18.20 5.64 -2.36
N VAL B 109 -18.62 6.81 -2.84
CA VAL B 109 -19.80 7.50 -2.28
C VAL B 109 -20.86 7.81 -3.35
N ASP B 110 -22.07 8.12 -2.88
CA ASP B 110 -23.17 8.56 -3.77
C ASP B 110 -23.20 10.08 -3.74
N GLU B 111 -24.24 10.68 -4.33
CA GLU B 111 -24.30 12.13 -4.48
C GLU B 111 -24.45 12.89 -3.17
N GLU B 112 -24.96 12.20 -2.14
CA GLU B 112 -25.12 12.78 -0.81
C GLU B 112 -23.97 12.41 0.13
N ARG B 114 -22.90 9.55 1.00
CA ARG B 114 -23.06 8.31 1.75
C ARG B 114 -22.18 7.21 1.15
N LEU B 115 -21.56 6.44 2.03
CA LEU B 115 -20.69 5.34 1.60
C LEU B 115 -21.45 4.22 0.90
N LYS B 116 -21.03 3.85 -0.31
CA LYS B 116 -21.68 2.77 -1.09
C LYS B 116 -20.77 1.54 -1.28
N GLY B 117 -19.51 1.68 -0.87
CA GLY B 117 -18.56 0.57 -0.95
C GLY B 117 -17.17 1.11 -1.05
N ALA B 118 -16.28 0.28 -1.57
CA ALA B 118 -14.92 0.69 -1.86
C ALA B 118 -14.42 0.05 -3.15
N VAL B 119 -13.39 0.65 -3.71
CA VAL B 119 -12.61 0.01 -4.78
C VAL B 119 -11.26 -0.37 -4.18
N SER B 120 -10.94 -1.66 -4.17
CA SER B 120 -9.61 -2.10 -3.71
C SER B 120 -8.54 -1.68 -4.71
N LEU B 121 -7.36 -1.37 -4.20
CA LEU B 121 -6.25 -1.07 -5.06
C LEU B 121 -5.95 -2.25 -6.00
N HIS B 122 -6.05 -3.47 -5.47
CA HIS B 122 -5.90 -4.66 -6.28
C HIS B 122 -6.85 -4.64 -7.50
N ASP B 123 -8.14 -4.45 -7.24
CA ASP B 123 -9.13 -4.42 -8.31
C ASP B 123 -8.95 -3.26 -9.28
N PHE B 124 -8.55 -2.10 -8.79
CA PHE B 124 -8.19 -0.99 -9.67
C PHE B 124 -7.04 -1.33 -10.62
N LEU B 125 -6.03 -2.02 -10.12
CA LEU B 125 -4.93 -2.45 -10.97
C LEU B 125 -5.40 -3.42 -12.06
N GLU B 126 -6.32 -4.31 -11.70
CA GLU B 126 -6.97 -5.18 -12.64
C GLU B 126 -7.70 -4.38 -13.75
N ALA B 127 -8.33 -3.27 -13.36
CA ALA B 127 -8.99 -2.33 -14.30
C ALA B 127 -8.00 -1.58 -15.21
N LEU B 128 -6.81 -1.28 -14.70
CA LEU B 128 -5.76 -0.63 -15.51
C LEU B 128 -5.22 -1.53 -16.62
N ILE B 129 -5.22 -2.85 -16.37
CA ILE B 129 -4.77 -3.82 -17.35
C ILE B 129 -5.71 -3.82 -18.57
N GLU B 130 -7.01 -3.82 -18.28
CA GLU B 130 -8.04 -3.39 -19.22
C GLU B 130 -7.79 -1.89 -19.35
N ALA B 131 -8.26 -1.24 -20.41
CA ALA B 131 -7.89 0.17 -20.64
C ALA B 131 -6.58 0.19 -21.41
N LEU B 132 -5.53 -0.41 -20.84
CA LEU B 132 -4.32 -0.76 -21.60
C LEU B 132 -4.57 -2.18 -22.16
N ALA B 133 -3.57 -3.07 -22.08
CA ALA B 133 -3.76 -4.49 -22.44
C ALA B 133 -2.65 -5.37 -21.86
#